data_7SSG
#
_entry.id   7SSG
#
_cell.length_a   1.00
_cell.length_b   1.00
_cell.length_c   1.00
_cell.angle_alpha   90.00
_cell.angle_beta   90.00
_cell.angle_gamma   90.00
#
_symmetry.space_group_name_H-M   'P 1'
#
loop_
_entity.id
_entity.type
_entity.pdbx_description
1 polymer 'Transcription-repair-coupling factor'
2 polymer "DNA (5'-D(P*TP*TP*GP*CP*CP*TP*CP*GP*CP*TP*GP*CP*CP*A)-3')"
3 polymer "DNA (5'-D(P*TP*GP*GP*CP*GP*GP*CP*GP*AP*GP*GP*C)-3')"
#
loop_
_entity_poly.entity_id
_entity_poly.type
_entity_poly.pdbx_seq_one_letter_code
_entity_poly.pdbx_strand_id
1 'polypeptide(L)'
;MPEQYRYTLPVKAGEQRLLGELTGAACATLVAEIAERHAGPVVLIAPDMQNALRLHDEISQFTDQMVMNLADWETLPYDS
FSPHQDIISSRLSTLYQLPTMQRGVLIVPVNTLMQRVCPHSFLHGHALVMKKGQRLSRDALRTQLDSAGYRHVDQVMEHG
EYATRGALLDLFPMGSELPYRLDFFDDEIDSLRVFDVDSQRTLEEVEAINLLPAHEFPTDKAAIELFRSQWRDTFEVKRD
PEHIYQQVSKGTLPAGIEYWQPLFFSEPLPPLFSYFPANTLLVNTGDLETSAERFQADTLARFENRGVDPMRPLLPPQSL
WLRVDELFSELKNWPRVQLKTEHLPTKAANANLGFQKLPDLAVQAQQKAPLDALRKFLETFDGPVVFSVESEGRREALGE
LLARIKIAPQRIMRLDEASDRGRYLMIGAAEHGFVDTVRNLALICESDLLGERVARRRQDSRRTINPDTLIRNLAELHIG
QPVVHLEHGVGRYAGMTTLEAGGITGEYLMLTYANDAKLYVPVSSLHLISRYAGGAEENAPLHKLGGDAWSRARQKAAEK
VRDVAAELLDIYAQRAAKEGFAFKHDREQYQLFCDSFPFETTPDQAQAINAVLSDMCQPLAMDRLVCGDVGFGKTEVAMR
AAFLAVDNHKQVAVLVPTTLLAQQHYDNFRDRFANWPVRIEMISRFRSAKEQTQILAEVAEGKIDILIGTHKLLQSDVKF
KDLGLLIVDEEHRFGVRHKERIKAMRANVDILTLTATPIPRTLNMAMSGMRDLSIIATPPARRLAVKTFVREYDSMVVRE
AILREILRGGQVYYLYNDVENIQKAAERLAELVPEARIAIGHGQMRERELERVMNDFHHQRFNVLVCTTIIETGIDIPTA
NTIIIERADHFGLAQLHQLRGRVGRSHHQAYAWLLTPHPKAMTTDAQKRLEAIASLEDLGAGFALATHDLEIRGAGELLG
EEQSGSMETIGFSLYMELLENAVDALKAGREPSLEDLTSQQTEVELRMPSLLPDDFIPDVNTRLSFYKRIASAKTENELE
EIKVELIDRFGLLPDPARTLLDIARLRQQAQKLGIRKLEGNEKGGVIEFAEKNHVNPAWLIGLLQKQPQHYRLDGPTRLK
FIQDLSERKTRIEWVRQFMRELEENAIA
;
A
2 'polydeoxyribonucleotide'
;(DT)(DT)(DT)(DT)(DT)(DT)(DT)(DT)(DT)(DT)(DT)(DT)(DT)(DT)(DT)(DT)(DT)(DT)(DT)(DT)
(DT)(DT)(DT)(DT)(DT)(DT)(DT)(DT)(DT)(DT)(DT)(DT)(DT)(DT)(DT)(DT)(DT)(DT)(DT)(DT)
(DG)(DC)(DC)(DT)(DC)(DG)(DC)(DT)(DG)(DC)(DC)(DG)(DT)(DC)(DG)(DC)(DC)(DA)
;
B
3 'polydeoxyribonucleotide' (DT)(DG)(DG)(DC)(DG)(DA)(DC)(DG)(DG)(DC)(DA)(DG)(DC)(DG)(DA)(DG)(DG)(DC) C
#
loop_
_chem_comp.id
_chem_comp.type
_chem_comp.name
_chem_comp.formula
DA DNA linking 2'-DEOXYADENOSINE-5'-MONOPHOSPHATE 'C10 H14 N5 O6 P'
DC DNA linking 2'-DEOXYCYTIDINE-5'-MONOPHOSPHATE 'C9 H14 N3 O7 P'
DG DNA linking 2'-DEOXYGUANOSINE-5'-MONOPHOSPHATE 'C10 H14 N5 O7 P'
DT DNA linking THYMIDINE-5'-MONOPHOSPHATE 'C10 H15 N2 O8 P'
#
# COMPACT_ATOMS: atom_id res chain seq x y z
N ARG A 575 22.90 7.61 17.15
CA ARG A 575 23.55 7.21 15.92
C ARG A 575 23.22 5.77 15.56
N ALA A 576 24.22 5.04 15.07
CA ALA A 576 24.02 3.65 14.66
C ALA A 576 23.63 2.75 15.82
N ALA A 577 24.24 2.94 16.98
CA ALA A 577 23.94 2.10 18.15
C ALA A 577 22.49 2.24 18.58
N LYS A 578 22.10 3.45 19.02
CA LYS A 578 20.74 3.75 19.45
C LYS A 578 20.24 2.70 20.45
N GLU A 579 20.90 2.61 21.60
CA GLU A 579 20.55 1.61 22.59
C GLU A 579 19.12 1.80 23.11
N GLY A 580 18.43 0.69 23.31
CA GLY A 580 17.04 0.72 23.71
C GLY A 580 16.76 0.13 25.09
N PHE A 581 15.90 -0.88 25.14
CA PHE A 581 15.49 -1.49 26.40
C PHE A 581 15.38 -3.00 26.22
N ALA A 582 14.75 -3.64 27.19
CA ALA A 582 14.56 -5.09 27.17
C ALA A 582 13.33 -5.45 26.33
N PHE A 583 13.50 -6.45 25.46
CA PHE A 583 12.45 -6.88 24.54
C PHE A 583 12.35 -8.39 24.53
N LYS A 584 12.21 -8.98 25.72
CA LYS A 584 12.09 -10.44 25.87
C LYS A 584 11.03 -10.99 24.92
N HIS A 585 11.32 -12.17 24.38
CA HIS A 585 10.54 -12.70 23.26
C HIS A 585 9.24 -13.34 23.73
N ASP A 586 9.31 -14.25 24.70
CA ASP A 586 8.16 -15.03 25.17
C ASP A 586 7.54 -15.80 24.00
N ARG A 587 8.30 -16.79 23.53
CA ARG A 587 7.95 -17.49 22.30
C ARG A 587 6.62 -18.22 22.39
N GLU A 588 6.29 -18.77 23.56
CA GLU A 588 5.07 -19.56 23.68
C GLU A 588 3.82 -18.72 23.43
N GLN A 589 3.73 -17.54 24.05
CA GLN A 589 2.58 -16.67 23.83
C GLN A 589 2.55 -16.14 22.41
N TYR A 590 3.71 -15.82 21.84
CA TYR A 590 3.76 -15.36 20.46
C TYR A 590 3.24 -16.43 19.50
N GLN A 591 3.64 -17.68 19.70
CA GLN A 591 3.13 -18.78 18.89
C GLN A 591 1.64 -19.00 19.09
N LEU A 592 1.15 -18.91 20.33
CA LEU A 592 -0.28 -19.05 20.58
C LEU A 592 -1.08 -17.95 19.89
N PHE A 593 -0.54 -16.73 19.85
CA PHE A 593 -1.21 -15.63 19.20
C PHE A 593 -1.08 -15.64 17.68
N CYS A 594 -0.05 -16.29 17.14
CA CYS A 594 0.21 -16.27 15.72
C CYS A 594 -0.18 -17.55 14.99
N ASP A 595 -0.58 -18.60 15.71
CA ASP A 595 -0.94 -19.85 15.04
C ASP A 595 -2.22 -19.71 14.22
N SER A 596 -2.98 -18.64 14.44
CA SER A 596 -4.27 -18.46 13.77
C SER A 596 -4.10 -17.86 12.38
N PHE A 597 -2.87 -17.63 11.95
CA PHE A 597 -2.61 -17.07 10.63
C PHE A 597 -3.01 -18.08 9.55
N PRO A 598 -3.92 -17.71 8.66
CA PRO A 598 -4.42 -18.69 7.68
C PRO A 598 -3.57 -18.77 6.42
N PHE A 599 -2.25 -18.81 6.57
CA PHE A 599 -1.30 -18.91 5.46
C PHE A 599 -0.07 -19.66 5.98
N GLU A 600 0.27 -20.77 5.33
CA GLU A 600 1.46 -21.54 5.71
C GLU A 600 2.72 -20.73 5.49
N THR A 601 3.56 -20.62 6.53
CA THR A 601 4.76 -19.82 6.44
C THR A 601 5.81 -20.53 5.59
N THR A 602 6.35 -19.80 4.63
CA THR A 602 7.43 -20.33 3.79
C THR A 602 8.77 -20.13 4.50
N PRO A 603 9.81 -20.90 4.14
CA PRO A 603 11.11 -20.73 4.81
C PRO A 603 11.70 -19.33 4.73
N ASP A 604 11.55 -18.62 3.60
CA ASP A 604 12.09 -17.27 3.51
C ASP A 604 11.34 -16.32 4.42
N GLN A 605 10.01 -16.45 4.51
CA GLN A 605 9.24 -15.63 5.44
C GLN A 605 9.60 -15.97 6.89
N ALA A 606 9.86 -17.25 7.17
CA ALA A 606 10.31 -17.63 8.51
C ALA A 606 11.65 -17.00 8.85
N GLN A 607 12.58 -16.98 7.89
CA GLN A 607 13.85 -16.30 8.11
C GLN A 607 13.64 -14.81 8.33
N ALA A 608 12.73 -14.20 7.57
CA ALA A 608 12.46 -12.77 7.74
C ALA A 608 11.92 -12.47 9.13
N ILE A 609 10.94 -13.26 9.60
CA ILE A 609 10.36 -12.99 10.91
C ILE A 609 11.37 -13.29 12.02
N ASN A 610 12.22 -14.31 11.82
CA ASN A 610 13.28 -14.58 12.78
C ASN A 610 14.26 -13.42 12.87
N ALA A 611 14.64 -12.84 11.73
CA ALA A 611 15.52 -11.69 11.74
C ALA A 611 14.86 -10.51 12.42
N VAL A 612 13.58 -10.29 12.15
CA VAL A 612 12.86 -9.18 12.76
C VAL A 612 12.78 -9.34 14.27
N LEU A 613 12.46 -10.53 14.77
CA LEU A 613 12.39 -10.74 16.21
C LEU A 613 13.77 -10.68 16.86
N SER A 614 14.82 -11.15 16.18
CA SER A 614 16.16 -11.00 16.73
C SER A 614 16.57 -9.54 16.84
N ASP A 615 16.26 -8.74 15.81
CA ASP A 615 16.56 -7.31 15.89
C ASP A 615 15.73 -6.62 16.97
N MET A 616 14.48 -7.05 17.16
CA MET A 616 13.66 -6.49 18.22
C MET A 616 14.24 -6.81 19.60
N CYS A 617 14.63 -8.07 19.81
CA CYS A 617 15.21 -8.45 21.09
C CYS A 617 16.57 -7.81 21.32
N GLN A 618 17.29 -7.51 20.24
CA GLN A 618 18.59 -6.87 20.36
C GLN A 618 18.43 -5.46 20.92
N PRO A 619 19.17 -5.09 21.97
CA PRO A 619 19.04 -3.75 22.55
C PRO A 619 19.58 -2.62 21.68
N LEU A 620 20.01 -2.91 20.45
CA LEU A 620 20.55 -1.90 19.56
C LEU A 620 19.41 -1.26 18.76
N ALA A 621 19.76 -0.49 17.74
CA ALA A 621 18.78 0.20 16.92
C ALA A 621 17.90 -0.79 16.17
N MET A 622 16.66 -0.39 15.91
CA MET A 622 15.73 -1.18 15.11
C MET A 622 16.00 -0.90 13.62
N ASP A 623 17.22 -1.25 13.21
CA ASP A 623 17.71 -0.97 11.87
C ASP A 623 17.61 -2.25 11.04
N ARG A 624 16.41 -2.51 10.52
CA ARG A 624 16.15 -3.66 9.65
C ARG A 624 15.45 -3.18 8.40
N LEU A 625 15.90 -3.67 7.24
CA LEU A 625 15.35 -3.29 5.95
C LEU A 625 14.67 -4.50 5.32
N VAL A 626 13.34 -4.44 5.22
CA VAL A 626 12.54 -5.47 4.59
C VAL A 626 11.64 -4.82 3.55
N CYS A 627 11.59 -5.40 2.35
CA CYS A 627 10.84 -4.85 1.23
C CYS A 627 9.66 -5.75 0.92
N GLY A 628 8.48 -5.15 0.84
CA GLY A 628 7.28 -5.88 0.49
C GLY A 628 6.33 -5.01 -0.32
N ASP A 629 5.54 -5.66 -1.16
CA ASP A 629 4.60 -4.94 -2.01
C ASP A 629 3.33 -4.59 -1.25
N VAL A 630 2.37 -3.96 -1.94
CA VAL A 630 1.11 -3.57 -1.32
C VAL A 630 0.08 -4.70 -1.33
N GLY A 631 0.28 -5.74 -2.13
CA GLY A 631 -0.63 -6.87 -2.18
C GLY A 631 -0.72 -7.63 -0.87
N PHE A 632 -1.86 -8.28 -0.64
CA PHE A 632 -2.06 -9.05 0.57
C PHE A 632 -1.02 -10.15 0.69
N GLY A 633 -0.54 -10.36 1.91
CA GLY A 633 0.50 -11.34 2.17
C GLY A 633 1.87 -10.74 2.43
N LYS A 634 2.17 -9.62 1.77
CA LYS A 634 3.44 -8.91 1.94
C LYS A 634 3.28 -7.65 2.76
N THR A 635 2.13 -7.50 3.44
CA THR A 635 1.85 -6.30 4.21
C THR A 635 1.63 -6.55 5.70
N GLU A 636 1.13 -7.72 6.10
CA GLU A 636 0.93 -8.04 7.51
C GLU A 636 2.02 -8.91 8.10
N VAL A 637 3.02 -9.31 7.30
CA VAL A 637 4.13 -10.09 7.83
C VAL A 637 4.93 -9.27 8.84
N ALA A 638 5.15 -7.99 8.54
CA ALA A 638 5.87 -7.13 9.48
C ALA A 638 5.01 -6.77 10.70
N MET A 639 3.69 -6.98 10.61
CA MET A 639 2.81 -6.65 11.71
C MET A 639 2.89 -7.64 12.86
N ARG A 640 3.65 -8.73 12.71
CA ARG A 640 3.80 -9.68 13.81
C ARG A 640 4.58 -9.07 14.97
N ALA A 641 5.21 -7.92 14.76
CA ALA A 641 5.88 -7.20 15.84
C ALA A 641 4.89 -6.58 16.82
N ALA A 642 3.59 -6.70 16.56
CA ALA A 642 2.60 -6.20 17.50
C ALA A 642 2.71 -6.90 18.85
N PHE A 643 3.03 -8.20 18.83
CA PHE A 643 3.23 -8.92 20.09
C PHE A 643 4.40 -8.34 20.87
N LEU A 644 5.50 -8.03 20.18
CA LEU A 644 6.67 -7.45 20.86
C LEU A 644 6.44 -6.00 21.24
N ALA A 645 5.48 -5.32 20.62
CA ALA A 645 5.17 -3.93 20.96
C ALA A 645 4.06 -3.80 22.00
N VAL A 646 3.32 -4.88 22.29
CA VAL A 646 2.25 -4.83 23.29
C VAL A 646 2.80 -5.21 24.66
N ASP A 647 3.62 -6.26 24.71
CA ASP A 647 4.10 -6.75 26.00
C ASP A 647 4.96 -5.72 26.71
N ASN A 648 5.78 -4.97 25.97
CA ASN A 648 6.59 -3.92 26.58
C ASN A 648 5.76 -2.68 26.88
N HIS A 649 4.50 -2.67 26.44
CA HIS A 649 3.58 -1.55 26.68
C HIS A 649 4.10 -0.26 26.06
N LYS A 650 4.29 -0.25 24.75
CA LYS A 650 4.73 0.93 24.02
C LYS A 650 3.76 1.17 22.86
N GLN A 651 3.82 2.37 22.29
CA GLN A 651 2.94 2.78 21.22
C GLN A 651 3.64 2.65 19.87
N VAL A 652 2.84 2.36 18.84
CA VAL A 652 3.33 2.27 17.48
C VAL A 652 2.39 3.04 16.57
N ALA A 653 2.89 3.51 15.44
CA ALA A 653 2.11 4.33 14.52
C ALA A 653 2.49 3.93 13.10
N VAL A 654 1.58 4.18 12.16
CA VAL A 654 1.80 3.89 10.75
C VAL A 654 1.09 4.95 9.94
N LEU A 655 1.71 5.38 8.84
CA LEU A 655 1.20 6.46 8.01
C LEU A 655 0.57 5.85 6.76
N VAL A 656 -0.72 5.55 6.85
CA VAL A 656 -1.48 5.08 5.68
C VAL A 656 -1.85 6.29 4.85
N PRO A 657 -1.47 6.33 3.57
CA PRO A 657 -1.71 7.53 2.76
C PRO A 657 -3.17 7.89 2.57
N THR A 658 -4.08 6.91 2.51
CA THR A 658 -5.49 7.16 2.22
C THR A 658 -6.35 6.70 3.40
N THR A 659 -7.67 6.76 3.19
CA THR A 659 -8.63 6.39 4.22
C THR A 659 -9.18 4.98 4.07
N LEU A 660 -9.45 4.53 2.84
CA LEU A 660 -9.97 3.19 2.63
C LEU A 660 -8.98 2.13 3.09
N LEU A 661 -7.70 2.32 2.76
CA LEU A 661 -6.67 1.39 3.22
C LEU A 661 -6.54 1.43 4.73
N ALA A 662 -6.65 2.61 5.34
CA ALA A 662 -6.58 2.71 6.79
C ALA A 662 -7.72 1.93 7.45
N GLN A 663 -8.93 2.08 6.91
CA GLN A 663 -10.07 1.33 7.44
C GLN A 663 -9.92 -0.18 7.25
N GLN A 664 -9.45 -0.62 6.08
CA GLN A 664 -9.24 -2.05 5.86
C GLN A 664 -8.18 -2.60 6.80
N HIS A 665 -7.10 -1.84 7.00
CA HIS A 665 -6.04 -2.26 7.92
C HIS A 665 -6.58 -2.37 9.34
N TYR A 666 -7.36 -1.38 9.77
CA TYR A 666 -7.94 -1.42 11.11
C TYR A 666 -8.86 -2.62 11.27
N ASP A 667 -9.68 -2.89 10.26
CA ASP A 667 -10.61 -4.01 10.33
C ASP A 667 -9.88 -5.34 10.44
N ASN A 668 -8.87 -5.56 9.59
CA ASN A 668 -8.17 -6.84 9.65
C ASN A 668 -7.33 -6.96 10.91
N PHE A 669 -6.77 -5.84 11.40
CA PHE A 669 -6.00 -5.88 12.64
C PHE A 669 -6.89 -6.23 13.82
N ARG A 670 -8.08 -5.63 13.89
CA ARG A 670 -8.98 -5.94 15.00
C ARG A 670 -9.59 -7.32 14.88
N ASP A 671 -9.70 -7.86 13.67
CA ASP A 671 -10.14 -9.24 13.52
C ASP A 671 -9.04 -10.21 13.95
N ARG A 672 -7.78 -9.91 13.59
CA ARG A 672 -6.68 -10.80 13.92
C ARG A 672 -6.33 -10.74 15.40
N PHE A 673 -6.54 -9.59 16.03
CA PHE A 673 -6.12 -9.39 17.41
C PHE A 673 -7.32 -9.09 18.31
N ALA A 674 -8.40 -9.86 18.15
CA ALA A 674 -9.66 -9.59 18.83
C ALA A 674 -9.64 -10.06 20.28
N ASN A 675 -9.21 -11.29 20.53
CA ASN A 675 -9.41 -11.93 21.83
C ASN A 675 -8.35 -11.53 22.86
N TRP A 676 -8.12 -10.23 23.00
CA TRP A 676 -7.31 -9.67 24.08
C TRP A 676 -7.56 -8.18 24.17
N PRO A 677 -7.38 -7.57 25.35
CA PRO A 677 -7.74 -6.16 25.52
C PRO A 677 -6.77 -5.19 24.86
N VAL A 678 -6.90 -5.01 23.54
CA VAL A 678 -6.15 -4.01 22.79
C VAL A 678 -7.10 -2.88 22.42
N ARG A 679 -6.57 -1.67 22.31
CA ARG A 679 -7.37 -0.49 22.00
C ARG A 679 -6.69 0.26 20.87
N ILE A 680 -7.37 0.34 19.72
CA ILE A 680 -6.81 0.96 18.52
C ILE A 680 -7.79 1.99 17.99
N GLU A 681 -7.29 3.19 17.71
CA GLU A 681 -8.06 4.22 17.02
C GLU A 681 -7.22 4.83 15.92
N MET A 682 -7.83 5.62 15.04
CA MET A 682 -7.13 6.17 13.89
C MET A 682 -7.79 7.49 13.50
N ILE A 683 -7.19 8.17 12.52
CA ILE A 683 -7.69 9.44 12.01
C ILE A 683 -7.95 9.28 10.52
N SER A 684 -9.07 9.81 10.06
CA SER A 684 -9.51 9.66 8.68
C SER A 684 -10.12 10.98 8.23
N ARG A 685 -10.80 10.95 7.08
CA ARG A 685 -11.52 12.12 6.58
C ARG A 685 -12.71 12.49 7.45
N PHE A 686 -13.09 11.62 8.39
CA PHE A 686 -14.13 11.90 9.37
C PHE A 686 -13.63 12.77 10.53
N ARG A 687 -12.48 13.44 10.37
CA ARG A 687 -11.88 14.18 11.47
C ARG A 687 -12.65 15.44 11.80
N SER A 688 -13.83 15.30 12.38
CA SER A 688 -14.58 16.46 12.85
C SER A 688 -14.07 16.86 14.24
N ALA A 689 -14.80 17.79 14.87
CA ALA A 689 -14.41 18.26 16.19
C ALA A 689 -14.45 17.14 17.21
N LYS A 690 -15.48 16.29 17.16
CA LYS A 690 -15.58 15.17 18.09
C LYS A 690 -14.41 14.19 17.91
N GLU A 691 -14.06 13.89 16.66
CA GLU A 691 -12.95 13.00 16.40
C GLU A 691 -11.63 13.61 16.88
N GLN A 692 -11.46 14.91 16.67
CA GLN A 692 -10.25 15.58 17.16
C GLN A 692 -10.16 15.53 18.68
N THR A 693 -11.29 15.76 19.37
CA THR A 693 -11.29 15.67 20.83
C THR A 693 -10.97 14.25 21.29
N GLN A 694 -11.52 13.23 20.61
CA GLN A 694 -11.22 11.86 20.96
C GLN A 694 -9.74 11.54 20.75
N ILE A 695 -9.15 12.04 19.67
CA ILE A 695 -7.73 11.79 19.41
C ILE A 695 -6.88 12.49 20.46
N LEU A 696 -7.26 13.72 20.84
CA LEU A 696 -6.54 14.41 21.90
C LEU A 696 -6.62 13.63 23.21
N ALA A 697 -7.80 13.12 23.54
CA ALA A 697 -7.96 12.33 24.76
C ALA A 697 -7.11 11.06 24.71
N GLU A 698 -7.08 10.38 23.56
CA GLU A 698 -6.33 9.14 23.47
C GLU A 698 -4.82 9.38 23.53
N VAL A 699 -4.34 10.50 22.96
CA VAL A 699 -2.91 10.77 23.02
C VAL A 699 -2.53 11.29 24.41
N ALA A 700 -3.47 11.91 25.12
CA ALA A 700 -3.24 12.27 26.52
C ALA A 700 -3.25 11.07 27.44
N GLU A 701 -4.04 10.04 27.12
CA GLU A 701 -4.06 8.82 27.93
C GLU A 701 -2.81 7.97 27.68
N GLY A 702 -2.53 7.68 26.40
CA GLY A 702 -1.36 6.92 26.02
C GLY A 702 -1.54 5.42 26.02
N LYS A 703 -2.70 4.93 26.49
CA LYS A 703 -2.93 3.50 26.56
C LYS A 703 -3.14 2.89 25.18
N ILE A 704 -3.41 3.73 24.18
CA ILE A 704 -3.68 3.24 22.83
C ILE A 704 -2.42 2.62 22.24
N ASP A 705 -2.59 1.44 21.63
CA ASP A 705 -1.45 0.67 21.13
C ASP A 705 -1.02 1.14 19.74
N ILE A 706 -1.93 1.07 18.76
CA ILE A 706 -1.59 1.32 17.37
C ILE A 706 -2.33 2.55 16.88
N LEU A 707 -1.61 3.40 16.14
CA LEU A 707 -2.18 4.61 15.57
C LEU A 707 -1.97 4.60 14.06
N ILE A 708 -2.97 5.14 13.34
CA ILE A 708 -2.94 5.26 11.89
C ILE A 708 -3.19 6.70 11.53
N GLY A 709 -2.30 7.28 10.72
CA GLY A 709 -2.38 8.69 10.39
C GLY A 709 -3.01 8.95 9.03
N THR A 710 -2.87 10.18 8.59
CA THR A 710 -3.43 10.63 7.31
C THR A 710 -2.49 11.68 6.72
N HIS A 711 -3.01 12.43 5.74
CA HIS A 711 -2.23 13.43 5.02
C HIS A 711 -1.67 14.49 5.97
N LYS A 712 -2.47 14.92 6.95
CA LYS A 712 -2.09 16.00 7.86
C LYS A 712 -1.56 15.47 9.19
N LEU A 713 -1.06 14.24 9.21
CA LEU A 713 -0.50 13.70 10.44
C LEU A 713 0.86 14.30 10.76
N LEU A 714 1.69 14.48 9.72
CA LEU A 714 3.07 14.90 9.93
C LEU A 714 3.15 16.29 10.57
N GLN A 715 2.43 17.25 10.01
CA GLN A 715 2.45 18.62 10.55
C GLN A 715 1.70 18.74 11.86
N SER A 716 0.74 17.86 12.12
CA SER A 716 0.00 17.92 13.38
C SER A 716 0.90 17.54 14.55
N ASP A 717 0.62 18.16 15.70
CA ASP A 717 1.39 17.88 16.91
C ASP A 717 0.92 16.56 17.50
N VAL A 718 1.52 15.46 17.05
CA VAL A 718 1.16 14.14 17.54
C VAL A 718 1.91 13.87 18.83
N LYS A 719 1.17 13.46 19.87
CA LYS A 719 1.74 13.24 21.19
C LYS A 719 2.07 11.77 21.39
N PHE A 720 3.27 11.51 21.89
CA PHE A 720 3.71 10.16 22.20
C PHE A 720 4.42 10.15 23.54
N LYS A 721 4.12 9.15 24.36
CA LYS A 721 4.78 8.95 25.64
C LYS A 721 5.85 7.86 25.56
N ASP A 722 5.56 6.76 24.87
CA ASP A 722 6.51 5.67 24.68
C ASP A 722 6.26 5.11 23.27
N LEU A 723 7.09 5.54 22.32
CA LEU A 723 6.95 5.15 20.92
C LEU A 723 7.79 3.91 20.68
N GLY A 724 7.13 2.79 20.40
CA GLY A 724 7.82 1.54 20.12
C GLY A 724 8.52 1.51 18.78
N LEU A 725 7.75 1.69 17.72
CA LEU A 725 8.28 1.64 16.35
C LEU A 725 7.29 2.37 15.45
N LEU A 726 7.68 2.57 14.19
CA LEU A 726 6.84 3.27 13.23
C LEU A 726 7.23 2.82 11.83
N ILE A 727 6.22 2.74 10.96
CA ILE A 727 6.41 2.34 9.57
C ILE A 727 5.75 3.38 8.67
N VAL A 728 6.48 3.83 7.66
CA VAL A 728 5.98 4.83 6.72
C VAL A 728 6.54 4.55 5.33
N ASP A 729 5.70 4.68 4.31
CA ASP A 729 6.10 4.41 2.93
C ASP A 729 5.43 5.41 2.00
N GLU A 730 5.51 5.11 0.70
CA GLU A 730 4.88 5.92 -0.35
C GLU A 730 5.35 7.37 -0.32
N GLU A 731 6.64 7.59 -0.54
CA GLU A 731 7.23 8.92 -0.52
C GLU A 731 7.52 9.40 -1.95
N HIS A 732 6.63 9.05 -2.88
CA HIS A 732 6.81 9.42 -4.29
C HIS A 732 6.04 10.68 -4.67
N ARG A 733 4.95 10.99 -3.98
CA ARG A 733 4.13 12.15 -4.28
C ARG A 733 4.70 13.45 -3.71
N PHE A 734 5.86 13.40 -3.05
CA PHE A 734 6.47 14.57 -2.44
C PHE A 734 7.96 14.30 -2.28
N GLY A 735 8.74 15.38 -2.14
CA GLY A 735 10.17 15.28 -1.93
C GLY A 735 10.49 14.83 -0.52
N VAL A 736 11.76 15.01 -0.15
CA VAL A 736 12.24 14.57 1.17
C VAL A 736 12.02 15.68 2.18
N ARG A 737 10.79 15.77 2.71
CA ARG A 737 10.46 16.67 3.80
C ARG A 737 9.82 15.95 4.98
N HIS A 738 8.91 15.01 4.70
CA HIS A 738 8.31 14.21 5.76
C HIS A 738 9.34 13.32 6.45
N LYS A 739 10.34 12.83 5.71
CA LYS A 739 11.38 12.02 6.32
C LYS A 739 12.16 12.80 7.37
N GLU A 740 12.59 14.02 7.06
CA GLU A 740 13.26 14.83 8.07
C GLU A 740 12.32 15.33 9.16
N ARG A 741 11.05 15.58 8.85
CA ARG A 741 10.09 15.94 9.89
C ARG A 741 9.91 14.83 10.91
N ILE A 742 9.79 13.57 10.45
CA ILE A 742 9.69 12.46 11.39
C ILE A 742 11.04 12.14 12.03
N LYS A 743 12.15 12.49 11.36
CA LYS A 743 13.45 12.35 12.00
C LYS A 743 13.61 13.32 13.16
N ALA A 744 13.00 14.51 13.06
CA ALA A 744 12.98 15.44 14.17
C ALA A 744 12.13 14.94 15.33
N MET A 745 11.31 13.90 15.12
CA MET A 745 10.49 13.30 16.16
C MET A 745 11.06 11.97 16.64
N ARG A 746 12.39 11.88 16.76
CA ARG A 746 13.05 10.65 17.18
C ARG A 746 13.71 10.82 18.54
N ALA A 747 13.02 11.47 19.47
CA ALA A 747 13.55 11.70 20.81
C ALA A 747 13.57 10.38 21.57
N ASN A 748 14.75 9.77 21.65
CA ASN A 748 14.98 8.53 22.39
C ASN A 748 14.12 7.37 21.86
N VAL A 749 13.74 7.43 20.59
CA VAL A 749 12.96 6.38 19.95
C VAL A 749 13.58 6.09 18.58
N ASP A 750 13.24 4.92 18.04
CA ASP A 750 13.74 4.49 16.74
C ASP A 750 12.55 4.22 15.83
N ILE A 751 12.83 4.08 14.52
CA ILE A 751 11.81 3.89 13.51
C ILE A 751 12.23 2.76 12.58
N LEU A 752 11.26 2.26 11.82
CA LEU A 752 11.46 1.20 10.84
C LEU A 752 10.93 1.63 9.48
N THR A 753 11.31 2.84 9.05
CA THR A 753 10.82 3.41 7.82
C THR A 753 11.33 2.61 6.62
N LEU A 754 10.43 2.27 5.70
CA LEU A 754 10.79 1.54 4.50
C LEU A 754 9.72 1.79 3.45
N THR A 755 10.16 1.82 2.19
CA THR A 755 9.28 2.14 1.07
C THR A 755 8.82 0.84 0.40
N ALA A 756 7.50 0.66 0.33
CA ALA A 756 6.96 -0.51 -0.33
C ALA A 756 7.18 -0.45 -1.84
N THR A 757 6.88 0.69 -2.44
CA THR A 757 7.10 0.88 -3.86
C THR A 757 8.60 0.99 -4.15
N PRO A 758 9.03 0.55 -5.32
CA PRO A 758 10.46 0.64 -5.67
C PRO A 758 10.95 2.08 -5.69
N ILE A 759 12.16 2.29 -5.19
CA ILE A 759 12.77 3.61 -5.13
C ILE A 759 14.19 3.52 -5.66
N PRO A 760 14.78 4.64 -6.07
CA PRO A 760 16.21 4.64 -6.41
C PRO A 760 17.04 4.16 -5.23
N ARG A 761 18.05 3.34 -5.53
CA ARG A 761 18.80 2.66 -4.48
C ARG A 761 19.88 3.53 -3.84
N THR A 762 19.96 4.81 -4.20
CA THR A 762 20.92 5.69 -3.52
C THR A 762 20.60 5.82 -2.04
N LEU A 763 19.32 5.97 -1.69
CA LEU A 763 18.91 6.01 -0.29
C LEU A 763 19.19 4.68 0.41
N ASN A 764 18.96 3.57 -0.29
CA ASN A 764 19.27 2.26 0.30
C ASN A 764 20.75 2.11 0.58
N MET A 765 21.60 2.57 -0.34
CA MET A 765 23.04 2.51 -0.12
C MET A 765 23.46 3.43 1.03
N ALA A 766 22.83 4.59 1.13
CA ALA A 766 23.12 5.49 2.25
C ALA A 766 22.74 4.84 3.58
N MET A 767 21.59 4.16 3.63
CA MET A 767 21.19 3.46 4.84
C MET A 767 22.10 2.26 5.13
N SER A 768 22.68 1.68 4.08
CA SER A 768 23.59 0.55 4.25
C SER A 768 24.81 0.96 5.06
N GLY A 769 25.31 0.02 5.85
CA GLY A 769 26.35 0.29 6.83
C GLY A 769 25.83 0.62 8.21
N MET A 770 24.57 1.02 8.31
CA MET A 770 23.88 1.20 9.59
C MET A 770 22.66 0.31 9.71
N ARG A 771 21.83 0.25 8.66
CA ARG A 771 20.67 -0.64 8.66
C ARG A 771 21.01 -1.94 7.95
N ASP A 772 20.67 -3.06 8.58
CA ASP A 772 20.95 -4.36 7.99
C ASP A 772 20.11 -4.58 6.75
N LEU A 773 20.72 -5.18 5.72
CA LEU A 773 20.07 -5.43 4.45
C LEU A 773 19.48 -6.84 4.46
N SER A 774 18.16 -6.94 4.36
CA SER A 774 17.45 -8.22 4.37
C SER A 774 16.45 -8.24 3.20
N ILE A 775 16.93 -8.67 2.04
CA ILE A 775 16.08 -8.80 0.86
C ILE A 775 15.57 -10.24 0.77
N ILE A 776 14.43 -10.51 1.39
CA ILE A 776 13.88 -11.87 1.38
C ILE A 776 13.35 -12.23 -0.01
N ALA A 777 12.61 -11.32 -0.64
CA ALA A 777 12.22 -11.45 -2.05
C ALA A 777 11.49 -12.76 -2.31
N THR A 778 10.26 -12.85 -1.79
CA THR A 778 9.44 -14.05 -1.99
C THR A 778 8.34 -13.82 -3.03
N PRO A 779 8.57 -14.19 -4.29
CA PRO A 779 7.46 -14.32 -5.24
C PRO A 779 6.55 -15.49 -4.92
N PRO A 780 7.07 -16.67 -4.46
CA PRO A 780 6.16 -17.82 -4.31
C PRO A 780 5.18 -17.68 -3.15
N ALA A 781 4.43 -18.76 -2.91
CA ALA A 781 3.29 -18.92 -2.01
C ALA A 781 2.04 -18.27 -2.58
N ARG A 782 2.12 -17.52 -3.68
CA ARG A 782 0.94 -17.03 -4.37
C ARG A 782 1.20 -16.94 -5.87
N ARG A 783 1.97 -17.89 -6.40
CA ARG A 783 2.36 -17.85 -7.81
C ARG A 783 1.26 -18.48 -8.67
N LEU A 784 0.52 -17.62 -9.38
CA LEU A 784 -0.52 -18.05 -10.30
C LEU A 784 -0.28 -17.43 -11.66
N ALA A 785 -1.04 -17.89 -12.65
CA ALA A 785 -0.91 -17.37 -14.00
C ALA A 785 -1.34 -15.91 -14.07
N VAL A 786 -0.53 -15.10 -14.74
CA VAL A 786 -0.81 -13.68 -14.89
C VAL A 786 -0.79 -13.31 -16.38
N LYS A 787 -1.88 -12.72 -16.85
CA LYS A 787 -2.02 -12.32 -18.25
C LYS A 787 -1.99 -10.80 -18.32
N THR A 788 -0.87 -10.25 -18.80
CA THR A 788 -0.71 -8.81 -18.98
C THR A 788 -0.44 -8.55 -20.46
N PHE A 789 -1.30 -7.75 -21.08
CA PHE A 789 -1.17 -7.43 -22.50
C PHE A 789 -1.50 -5.96 -22.69
N VAL A 790 -1.46 -5.51 -23.94
CA VAL A 790 -1.75 -4.12 -24.28
C VAL A 790 -2.19 -4.06 -25.74
N ARG A 791 -3.29 -3.36 -25.99
CA ARG A 791 -3.85 -3.26 -27.33
C ARG A 791 -4.36 -1.84 -27.56
N GLU A 792 -4.91 -1.62 -28.75
CA GLU A 792 -5.46 -0.33 -29.13
C GLU A 792 -6.80 -0.09 -28.43
N TYR A 793 -7.13 1.19 -28.24
CA TYR A 793 -8.41 1.57 -27.66
C TYR A 793 -9.56 1.05 -28.50
N ASP A 794 -10.51 0.38 -27.83
CA ASP A 794 -11.65 -0.22 -28.50
C ASP A 794 -12.69 -0.61 -27.46
N SER A 795 -13.96 -0.39 -27.79
CA SER A 795 -15.03 -0.70 -26.85
C SER A 795 -15.31 -2.20 -26.81
N MET A 796 -15.14 -2.89 -27.94
CA MET A 796 -15.47 -4.30 -28.00
C MET A 796 -14.57 -5.15 -27.11
N VAL A 797 -13.26 -4.85 -27.09
CA VAL A 797 -12.35 -5.61 -26.23
C VAL A 797 -12.65 -5.36 -24.76
N VAL A 798 -13.01 -4.12 -24.41
CA VAL A 798 -13.38 -3.81 -23.03
C VAL A 798 -14.63 -4.59 -22.64
N ARG A 799 -15.62 -4.64 -23.54
CA ARG A 799 -16.84 -5.39 -23.25
C ARG A 799 -16.56 -6.87 -23.12
N GLU A 800 -15.68 -7.41 -23.96
CA GLU A 800 -15.30 -8.82 -23.85
C GLU A 800 -14.61 -9.10 -22.53
N ALA A 801 -13.72 -8.21 -22.10
CA ALA A 801 -13.07 -8.38 -20.80
C ALA A 801 -14.08 -8.33 -19.67
N ILE A 802 -15.06 -7.42 -19.77
CA ILE A 802 -16.10 -7.33 -18.75
C ILE A 802 -16.90 -8.64 -18.69
N LEU A 803 -17.28 -9.16 -19.85
CA LEU A 803 -18.01 -10.42 -19.89
C LEU A 803 -17.18 -11.59 -19.36
N ARG A 804 -15.86 -11.58 -19.58
CA ARG A 804 -15.00 -12.62 -19.03
C ARG A 804 -14.89 -12.52 -17.51
N GLU A 805 -14.80 -11.29 -16.99
CA GLU A 805 -14.59 -11.10 -15.55
C GLU A 805 -15.86 -11.23 -14.74
N ILE A 806 -17.04 -11.03 -15.33
CA ILE A 806 -18.29 -11.14 -14.59
C ILE A 806 -18.73 -12.60 -14.49
N LEU A 807 -17.91 -13.51 -15.01
CA LEU A 807 -18.23 -14.93 -14.94
C LEU A 807 -18.28 -15.46 -13.51
N ARG A 808 -17.46 -14.91 -12.60
CA ARG A 808 -17.46 -15.32 -11.21
C ARG A 808 -17.50 -14.14 -10.25
N GLY A 809 -18.11 -13.03 -10.64
CA GLY A 809 -18.18 -11.86 -9.79
C GLY A 809 -16.85 -11.20 -9.53
N GLY A 810 -16.04 -11.06 -10.59
CA GLY A 810 -14.75 -10.40 -10.46
C GLY A 810 -14.88 -8.90 -10.28
N GLN A 811 -13.79 -8.17 -10.54
CA GLN A 811 -13.80 -6.73 -10.38
C GLN A 811 -12.74 -6.12 -11.28
N VAL A 812 -13.08 -5.02 -11.95
CA VAL A 812 -12.15 -4.27 -12.77
C VAL A 812 -12.05 -2.85 -12.23
N TYR A 813 -11.10 -2.07 -12.76
CA TYR A 813 -10.93 -0.69 -12.35
C TYR A 813 -10.76 0.19 -13.58
N TYR A 814 -11.46 1.33 -13.56
CA TYR A 814 -11.38 2.31 -14.63
C TYR A 814 -10.85 3.61 -14.05
N LEU A 815 -9.79 4.14 -14.69
CA LEU A 815 -9.13 5.34 -14.20
C LEU A 815 -9.58 6.53 -15.02
N TYR A 816 -9.57 7.69 -14.37
CA TYR A 816 -10.06 8.91 -14.99
C TYR A 816 -9.34 10.09 -14.37
N ASN A 817 -9.37 11.23 -15.08
CA ASN A 817 -8.68 12.42 -14.60
C ASN A 817 -9.37 13.05 -13.39
N ASP A 818 -10.59 12.62 -13.06
CA ASP A 818 -11.36 13.14 -11.93
C ASP A 818 -11.63 14.64 -12.08
N VAL A 819 -11.63 15.12 -13.31
CA VAL A 819 -11.89 16.53 -13.60
C VAL A 819 -13.08 16.65 -14.53
N GLU A 820 -13.10 15.81 -15.58
CA GLU A 820 -14.18 15.83 -16.56
C GLU A 820 -15.40 15.10 -16.00
N ASN A 821 -16.36 14.81 -16.86
CA ASN A 821 -17.65 14.25 -16.44
C ASN A 821 -17.50 12.77 -16.14
N ILE A 822 -17.13 12.47 -14.89
CA ILE A 822 -17.04 11.09 -14.45
C ILE A 822 -18.41 10.43 -14.48
N GLN A 823 -19.46 11.22 -14.23
CA GLN A 823 -20.82 10.69 -14.35
C GLN A 823 -21.12 10.24 -15.77
N LYS A 824 -20.71 11.04 -16.77
CA LYS A 824 -20.86 10.63 -18.16
C LYS A 824 -20.01 9.41 -18.49
N ALA A 825 -18.79 9.32 -17.94
CA ALA A 825 -17.98 8.14 -18.16
C ALA A 825 -18.66 6.88 -17.62
N ALA A 826 -19.24 6.99 -16.41
CA ALA A 826 -19.96 5.87 -15.82
C ALA A 826 -21.20 5.52 -16.63
N GLU A 827 -21.90 6.53 -17.16
CA GLU A 827 -23.06 6.27 -18.00
C GLU A 827 -22.64 5.53 -19.28
N ARG A 828 -21.51 5.93 -19.87
CA ARG A 828 -21.00 5.23 -21.05
C ARG A 828 -20.64 3.79 -20.72
N LEU A 829 -20.02 3.56 -19.57
CA LEU A 829 -19.67 2.20 -19.16
C LEU A 829 -20.94 1.36 -18.97
N ALA A 830 -21.95 1.94 -18.32
CA ALA A 830 -23.22 1.23 -18.13
C ALA A 830 -23.90 0.91 -19.45
N GLU A 831 -23.85 1.84 -20.40
CA GLU A 831 -24.39 1.57 -21.73
C GLU A 831 -23.62 0.45 -22.41
N LEU A 832 -22.29 0.43 -22.26
CA LEU A 832 -21.48 -0.63 -22.84
C LEU A 832 -21.83 -1.99 -22.25
N VAL A 833 -21.99 -2.08 -20.94
CA VAL A 833 -22.40 -3.33 -20.31
C VAL A 833 -23.66 -3.09 -19.48
N PRO A 834 -24.85 -3.27 -20.05
CA PRO A 834 -26.08 -3.05 -19.28
C PRO A 834 -26.44 -4.20 -18.34
N GLU A 835 -25.80 -5.35 -18.46
CA GLU A 835 -26.10 -6.50 -17.60
C GLU A 835 -25.49 -6.38 -16.21
N ALA A 836 -24.47 -5.53 -16.05
CA ALA A 836 -23.82 -5.33 -14.77
C ALA A 836 -24.44 -4.15 -14.04
N ARG A 837 -23.94 -3.87 -12.83
CA ARG A 837 -24.42 -2.77 -12.00
C ARG A 837 -23.20 -1.96 -11.55
N ILE A 838 -22.97 -0.84 -12.23
CA ILE A 838 -21.84 0.03 -11.91
C ILE A 838 -22.21 0.97 -10.79
N ALA A 839 -21.35 1.06 -9.78
CA ALA A 839 -21.56 1.93 -8.63
C ALA A 839 -20.90 3.29 -8.88
N ILE A 840 -20.89 4.12 -7.85
CA ILE A 840 -20.33 5.48 -7.94
C ILE A 840 -18.89 5.40 -7.46
N GLY A 841 -17.94 5.48 -8.39
CA GLY A 841 -16.54 5.48 -8.07
C GLY A 841 -15.89 6.83 -8.25
N HIS A 842 -16.61 7.89 -7.87
CA HIS A 842 -16.13 9.25 -8.03
C HIS A 842 -15.23 9.62 -6.86
N GLY A 843 -14.06 10.16 -7.17
CA GLY A 843 -13.13 10.58 -6.13
C GLY A 843 -13.47 11.94 -5.57
N GLN A 844 -12.76 12.29 -4.49
CA GLN A 844 -12.90 13.55 -3.77
C GLN A 844 -14.30 13.79 -3.24
N MET A 845 -15.09 12.74 -3.05
CA MET A 845 -16.45 12.88 -2.55
C MET A 845 -16.46 12.79 -1.03
N ARG A 846 -17.65 12.68 -0.46
CA ARG A 846 -17.79 12.65 0.99
C ARG A 846 -17.19 11.36 1.57
N GLU A 847 -16.64 11.47 2.77
CA GLU A 847 -16.08 10.31 3.47
C GLU A 847 -17.17 9.29 3.76
N ARG A 848 -18.40 9.75 3.99
CA ARG A 848 -19.52 8.83 4.18
C ARG A 848 -19.76 8.02 2.90
N GLU A 849 -19.71 8.68 1.75
CA GLU A 849 -19.87 7.97 0.48
C GLU A 849 -18.70 7.02 0.23
N LEU A 850 -17.49 7.42 0.63
CA LEU A 850 -16.35 6.52 0.52
C LEU A 850 -16.53 5.28 1.39
N GLU A 851 -17.03 5.44 2.61
CA GLU A 851 -17.30 4.30 3.48
C GLU A 851 -18.38 3.40 2.89
N ARG A 852 -19.42 4.01 2.30
CA ARG A 852 -20.45 3.21 1.64
C ARG A 852 -19.87 2.44 0.46
N VAL A 853 -18.97 3.06 -0.30
CA VAL A 853 -18.31 2.39 -1.41
C VAL A 853 -17.48 1.20 -0.90
N MET A 854 -16.76 1.40 0.21
CA MET A 854 -16.00 0.29 0.79
C MET A 854 -16.91 -0.83 1.25
N ASN A 855 -18.05 -0.51 1.88
CA ASN A 855 -18.99 -1.54 2.28
C ASN A 855 -19.53 -2.30 1.08
N ASP A 856 -19.85 -1.57 0.00
CA ASP A 856 -20.30 -2.22 -1.22
C ASP A 856 -19.25 -3.13 -1.81
N PHE A 857 -17.98 -2.70 -1.80
CA PHE A 857 -16.90 -3.56 -2.27
C PHE A 857 -16.77 -4.81 -1.41
N HIS A 858 -16.87 -4.66 -0.08
CA HIS A 858 -16.75 -5.82 0.80
C HIS A 858 -17.91 -6.80 0.61
N HIS A 859 -19.12 -6.29 0.41
CA HIS A 859 -20.30 -7.13 0.31
C HIS A 859 -20.60 -7.60 -1.11
N GLN A 860 -19.85 -7.10 -2.10
CA GLN A 860 -20.02 -7.48 -3.50
C GLN A 860 -21.45 -7.20 -3.98
N ARG A 861 -22.02 -6.10 -3.48
CA ARG A 861 -23.36 -5.70 -3.91
C ARG A 861 -23.37 -5.28 -5.37
N PHE A 862 -22.43 -4.41 -5.75
CA PHE A 862 -22.28 -4.00 -7.14
C PHE A 862 -21.14 -4.77 -7.77
N ASN A 863 -21.44 -5.51 -8.85
CA ASN A 863 -20.42 -6.34 -9.49
C ASN A 863 -19.33 -5.50 -10.16
N VAL A 864 -19.61 -4.25 -10.49
CA VAL A 864 -18.65 -3.37 -11.14
C VAL A 864 -18.50 -2.09 -10.32
N LEU A 865 -17.25 -1.76 -10.00
CA LEU A 865 -16.93 -0.55 -9.28
C LEU A 865 -15.51 -0.15 -9.64
N VAL A 866 -15.31 1.14 -9.89
CA VAL A 866 -14.08 1.63 -10.48
C VAL A 866 -13.45 2.67 -9.56
N CYS A 867 -12.14 2.82 -9.70
CA CYS A 867 -11.36 3.80 -8.95
C CYS A 867 -10.37 4.45 -9.90
N THR A 868 -10.16 5.75 -9.73
CA THR A 868 -9.46 6.55 -10.74
C THR A 868 -8.02 6.85 -10.35
N THR A 869 -7.78 7.46 -9.20
CA THR A 869 -6.45 7.94 -8.85
C THR A 869 -6.02 7.36 -7.50
N ILE A 870 -4.92 7.89 -6.97
CA ILE A 870 -4.35 7.40 -5.71
C ILE A 870 -5.33 7.65 -4.56
N ILE A 871 -6.18 8.66 -4.71
CA ILE A 871 -7.18 8.98 -3.69
C ILE A 871 -8.20 7.85 -3.65
N GLU A 872 -8.29 7.08 -4.73
CA GLU A 872 -9.21 5.97 -4.83
C GLU A 872 -8.49 4.63 -4.97
N THR A 873 -7.45 4.55 -5.80
CA THR A 873 -6.67 3.34 -5.99
C THR A 873 -5.54 3.35 -4.97
N GLY A 874 -5.65 2.49 -3.95
CA GLY A 874 -4.59 2.39 -2.97
C GLY A 874 -4.10 0.97 -2.75
N ILE A 875 -4.92 -0.02 -3.12
CA ILE A 875 -4.59 -1.42 -2.90
C ILE A 875 -5.47 -2.26 -3.80
N ASP A 876 -5.04 -3.49 -4.07
CA ASP A 876 -5.80 -4.44 -4.87
C ASP A 876 -6.74 -5.23 -3.98
N ILE A 877 -7.82 -5.72 -4.57
CA ILE A 877 -8.82 -6.52 -3.85
C ILE A 877 -8.65 -7.98 -4.27
N PRO A 878 -8.68 -8.93 -3.32
CA PRO A 878 -8.52 -10.34 -3.72
C PRO A 878 -9.57 -10.82 -4.71
N THR A 879 -10.79 -10.31 -4.61
CA THR A 879 -11.83 -10.69 -5.56
C THR A 879 -11.59 -10.07 -6.93
N ALA A 880 -10.86 -8.96 -7.00
CA ALA A 880 -10.54 -8.34 -8.28
C ALA A 880 -9.55 -9.19 -9.05
N ASN A 881 -9.76 -9.25 -10.37
CA ASN A 881 -8.91 -10.08 -11.23
C ASN A 881 -8.40 -9.38 -12.48
N THR A 882 -9.03 -8.30 -12.95
CA THR A 882 -8.62 -7.64 -14.17
C THR A 882 -8.35 -6.17 -13.90
N ILE A 883 -7.23 -5.68 -14.44
CA ILE A 883 -6.86 -4.28 -14.34
C ILE A 883 -6.66 -3.74 -15.74
N ILE A 884 -7.31 -2.60 -16.02
CA ILE A 884 -7.26 -1.99 -17.34
C ILE A 884 -6.89 -0.53 -17.20
N ILE A 885 -5.95 -0.09 -18.05
CA ILE A 885 -5.50 1.29 -18.09
C ILE A 885 -5.89 1.89 -19.44
N GLU A 886 -6.53 3.05 -19.38
CA GLU A 886 -7.11 3.65 -20.57
C GLU A 886 -6.34 4.90 -21.00
N ARG A 887 -5.74 5.61 -20.05
CA ARG A 887 -5.01 6.84 -20.32
C ARG A 887 -3.53 6.54 -20.51
N ALA A 888 -3.20 6.02 -21.69
CA ALA A 888 -1.81 5.75 -22.06
C ALA A 888 -1.14 6.94 -22.72
N ASP A 889 -1.87 8.03 -22.95
CA ASP A 889 -1.30 9.24 -23.53
C ASP A 889 -0.81 10.22 -22.48
N HIS A 890 -1.49 10.32 -21.34
CA HIS A 890 -1.07 11.17 -20.22
C HIS A 890 -0.81 10.27 -19.02
N PHE A 891 0.42 10.30 -18.52
CA PHE A 891 0.83 9.46 -17.40
C PHE A 891 1.35 10.31 -16.25
N GLY A 892 1.35 9.71 -15.06
CA GLY A 892 1.85 10.36 -13.87
C GLY A 892 3.08 9.68 -13.30
N LEU A 893 4.09 10.47 -12.94
CA LEU A 893 5.32 9.90 -12.42
C LEU A 893 5.08 9.09 -11.15
N ALA A 894 4.27 9.62 -10.25
CA ALA A 894 3.89 8.87 -9.05
C ALA A 894 2.74 7.91 -9.29
N GLN A 895 1.84 8.20 -10.24
CA GLN A 895 0.74 7.30 -10.53
C GLN A 895 1.24 5.96 -11.04
N LEU A 896 2.24 5.98 -11.93
CA LEU A 896 2.78 4.73 -12.46
C LEU A 896 3.42 3.89 -11.35
N HIS A 897 4.20 4.54 -10.48
CA HIS A 897 4.81 3.82 -9.36
C HIS A 897 3.75 3.25 -8.42
N GLN A 898 2.68 4.00 -8.17
CA GLN A 898 1.60 3.48 -7.33
C GLN A 898 0.93 2.28 -7.98
N LEU A 899 0.67 2.34 -9.29
CA LEU A 899 -0.05 1.25 -9.94
C LEU A 899 0.83 0.05 -10.26
N ARG A 900 2.15 0.20 -10.16
CA ARG A 900 3.05 -0.93 -10.42
C ARG A 900 3.24 -1.79 -9.17
N GLY A 901 2.37 -1.64 -8.18
CA GLY A 901 2.48 -2.43 -6.97
C GLY A 901 1.15 -2.86 -6.38
N ARG A 902 0.06 -2.62 -7.10
CA ARG A 902 -1.29 -2.86 -6.61
C ARG A 902 -2.05 -3.86 -7.48
N VAL A 903 -1.40 -4.96 -7.85
CA VAL A 903 -2.02 -6.01 -8.66
C VAL A 903 -1.68 -7.36 -8.04
N GLY A 904 -2.67 -8.23 -7.96
CA GLY A 904 -2.45 -9.56 -7.43
C GLY A 904 -3.77 -10.28 -7.21
N ARG A 905 -3.65 -11.60 -7.04
CA ARG A 905 -4.81 -12.45 -6.75
C ARG A 905 -4.32 -13.73 -6.12
N SER A 906 -5.22 -14.41 -5.40
CA SER A 906 -4.88 -15.61 -4.66
C SER A 906 -5.60 -16.83 -5.23
N HIS A 907 -4.82 -17.84 -5.61
CA HIS A 907 -5.33 -19.15 -6.03
C HIS A 907 -6.33 -19.02 -7.19
N HIS A 908 -6.08 -18.08 -8.08
CA HIS A 908 -6.94 -17.87 -9.24
C HIS A 908 -6.13 -17.20 -10.33
N GLN A 909 -6.65 -17.32 -11.56
CA GLN A 909 -6.00 -16.68 -12.70
C GLN A 909 -6.13 -15.17 -12.62
N ALA A 910 -5.12 -14.47 -13.12
CA ALA A 910 -5.09 -13.02 -13.13
C ALA A 910 -5.08 -12.52 -14.57
N TYR A 911 -5.72 -11.38 -14.79
CA TYR A 911 -5.84 -10.80 -16.11
C TYR A 911 -5.47 -9.32 -16.03
N ALA A 912 -5.03 -8.78 -17.17
CA ALA A 912 -4.67 -7.38 -17.27
C ALA A 912 -4.53 -7.02 -18.74
N TRP A 913 -5.01 -5.83 -19.09
CA TRP A 913 -4.91 -5.30 -20.44
C TRP A 913 -4.75 -3.79 -20.37
N LEU A 914 -4.28 -3.20 -21.45
CA LEU A 914 -4.09 -1.75 -21.51
C LEU A 914 -4.50 -1.26 -22.89
N LEU A 915 -5.20 -0.13 -22.90
CA LEU A 915 -5.57 0.56 -24.13
C LEU A 915 -4.46 1.54 -24.50
N THR A 916 -4.32 1.79 -25.80
CA THR A 916 -3.22 2.60 -26.32
C THR A 916 -3.76 3.72 -27.20
N PRO A 917 -4.27 4.79 -26.60
CA PRO A 917 -4.56 6.00 -27.37
C PRO A 917 -3.28 6.65 -27.86
N HIS A 918 -3.41 7.36 -28.97
CA HIS A 918 -2.24 8.01 -29.56
C HIS A 918 -1.86 9.23 -28.73
N PRO A 919 -0.64 9.29 -28.21
CA PRO A 919 -0.23 10.47 -27.42
C PRO A 919 -0.15 11.71 -28.29
N LYS A 920 -0.77 12.78 -27.81
CA LYS A 920 -0.77 14.05 -28.51
C LYS A 920 -0.61 15.19 -27.51
N ALA A 921 0.25 16.15 -27.85
CA ALA A 921 0.48 17.32 -27.00
C ALA A 921 1.04 18.47 -27.83
N MET A 922 2.35 18.63 -27.81
CA MET A 922 2.99 19.65 -28.65
C MET A 922 3.02 19.21 -30.11
N THR A 923 2.76 17.93 -30.37
CA THR A 923 2.72 17.29 -31.69
C THR A 923 4.09 17.24 -32.35
N THR A 924 5.14 17.76 -31.71
CA THR A 924 6.47 17.69 -32.32
C THR A 924 7.01 16.26 -32.33
N ASP A 925 6.83 15.53 -31.23
CA ASP A 925 7.34 14.17 -31.09
C ASP A 925 6.24 13.17 -30.76
N ALA A 926 5.06 13.33 -31.35
CA ALA A 926 3.97 12.38 -31.09
C ALA A 926 4.33 10.99 -31.59
N GLN A 927 4.92 10.90 -32.78
CA GLN A 927 5.33 9.60 -33.31
C GLN A 927 6.41 8.97 -32.44
N LYS A 928 7.37 9.78 -31.97
CA LYS A 928 8.41 9.26 -31.09
C LYS A 928 7.81 8.75 -29.78
N ARG A 929 6.85 9.48 -29.23
CA ARG A 929 6.19 9.03 -28.00
C ARG A 929 5.43 7.74 -28.23
N LEU A 930 4.75 7.62 -29.37
CA LEU A 930 4.04 6.38 -29.67
C LEU A 930 5.00 5.21 -29.81
N GLU A 931 6.14 5.42 -30.48
CA GLU A 931 7.13 4.36 -30.61
C GLU A 931 7.71 3.98 -29.25
N ALA A 932 7.94 4.96 -28.39
CA ALA A 932 8.45 4.67 -27.04
C ALA A 932 7.43 3.87 -26.24
N ILE A 933 6.15 4.22 -26.36
CA ILE A 933 5.11 3.48 -25.65
C ILE A 933 5.04 2.05 -26.17
N ALA A 934 5.17 1.88 -27.49
CA ALA A 934 5.19 0.54 -28.07
C ALA A 934 6.39 -0.25 -27.56
N SER A 935 7.54 0.41 -27.41
CA SER A 935 8.77 -0.21 -26.93
C SER A 935 9.06 0.13 -25.48
N LEU A 936 8.03 0.20 -24.64
CA LEU A 936 8.23 0.56 -23.23
C LEU A 936 9.11 -0.47 -22.53
N GLU A 937 8.92 -1.75 -22.85
CA GLU A 937 9.72 -2.86 -22.33
C GLU A 937 9.64 -2.98 -20.81
N ASP A 938 8.44 -2.77 -20.25
CA ASP A 938 8.20 -2.94 -18.81
C ASP A 938 9.11 -2.05 -17.97
N LEU A 939 8.94 -0.72 -18.10
CA LEU A 939 9.68 0.25 -17.29
C LEU A 939 11.17 0.19 -17.56
N GLY A 940 11.54 0.25 -18.84
CA GLY A 940 12.95 0.27 -19.21
C GLY A 940 13.70 -1.00 -18.85
N ALA A 941 13.04 -2.15 -19.00
CA ALA A 941 13.63 -3.47 -18.75
C ALA A 941 14.13 -3.52 -17.32
N GLY A 942 15.42 -3.73 -17.07
CA GLY A 942 15.93 -3.87 -15.71
C GLY A 942 16.26 -2.57 -15.02
N PHE A 943 15.24 -1.87 -14.51
CA PHE A 943 15.49 -0.68 -13.72
C PHE A 943 16.25 -1.01 -12.44
N ALA A 944 16.16 -2.25 -11.98
CA ALA A 944 16.93 -2.68 -10.82
C ALA A 944 18.43 -2.59 -11.10
N LEU A 945 18.83 -2.93 -12.33
CA LEU A 945 20.24 -2.79 -12.70
C LEU A 945 20.70 -1.34 -12.64
N ALA A 946 19.87 -0.40 -13.12
CA ALA A 946 20.21 1.01 -13.03
C ALA A 946 20.28 1.49 -11.58
N THR A 947 19.35 1.04 -10.74
CA THR A 947 19.39 1.41 -9.34
C THR A 947 20.65 0.89 -8.66
N HIS A 948 21.04 -0.35 -8.98
CA HIS A 948 22.28 -0.89 -8.44
C HIS A 948 23.49 -0.12 -8.92
N ASP A 949 23.52 0.22 -10.21
CA ASP A 949 24.63 1.00 -10.77
C ASP A 949 24.72 2.40 -10.18
N LEU A 950 23.60 3.00 -9.80
CA LEU A 950 23.61 4.28 -9.11
C LEU A 950 24.00 4.17 -7.64
N GLU A 951 23.54 3.14 -6.93
CA GLU A 951 23.92 2.99 -5.53
C GLU A 951 25.40 2.65 -5.39
N ILE A 952 25.95 1.90 -6.36
CA ILE A 952 27.38 1.63 -6.34
C ILE A 952 28.17 2.92 -6.54
N ARG A 953 27.71 3.77 -7.47
CA ARG A 953 28.43 5.01 -7.75
C ARG A 953 28.34 5.97 -6.56
N GLY A 954 27.16 6.10 -5.95
CA GLY A 954 26.99 7.04 -4.86
C GLY A 954 25.87 6.64 -3.94
N ALA A 955 25.90 7.22 -2.74
CA ALA A 955 24.91 6.96 -1.70
C ALA A 955 24.34 8.29 -1.21
N GLY A 956 23.02 8.32 -1.04
CA GLY A 956 22.36 9.52 -0.56
C GLY A 956 22.18 10.57 -1.65
#